data_7I2O
#
_entry.id   7I2O
#
_cell.length_a   82.449
_cell.length_b   116.263
_cell.length_c   146.908
_cell.angle_alpha   90.00
_cell.angle_beta   90.00
_cell.angle_gamma   90.00
#
_symmetry.space_group_name_H-M   'I 2 2 2'
#
loop_
_entity.id
_entity.type
_entity.pdbx_description
1 polymer 'NS5 RNA-dependent RNA polymerase'
2 non-polymer 'ZINC ION'
3 non-polymer '2-(N-MORPHOLINO)-ETHANESULFONIC ACID'
4 non-polymer 'DIMETHYL SULFOXIDE'
5 non-polymer 'PHOSPHATE ION'
6 non-polymer DI(HYDROXYETHYL)ETHER
7 non-polymer 5-chloro-N-methyl-N-{[(3R)-oxolan-3-yl]methyl}pyrimidin-4-amine
8 water water
#
_entity_poly.entity_id   1
_entity_poly.type   'polypeptide(L)'
_entity_poly.pdbx_seq_one_letter_code
;GPGIESETPNLDIIGKRIEKIKQEHETSWHYDQDHPYKTWAYHGSYETKQTGSASSMVNGVVRLLTKPWDIIPMVTQMAM
TDTTPFGQQRVFKEKVDTRTQEPKEGTKKLMKITAEWLWKELGKKKTPRMCTREEFTRKVRSNAALGAIFTDENKWKSAR
EAVEDSGFWELVDKERNLHLEGKCETCVYNMMGKREKKLGEFGKAKGSRAIWYMWLGARFLEFEALGFLNEDHWFSRENS
LSGVEGEGLHKLGYILRDVSKKEGGAMYADDTAGWDTRITLEDLKNEEMVTNHMEGEHKKLAEAIFKLTYQNKVVRVQRP
TPRGTVMDIISRRDQRGSGQVVTYGLNTFTNMEAQLIRQMEGEGVFKSIQHLTVTEEIAVKNWLVRVGRERLSRMAISGD
DCVVKPLDDRFASALTALNDMGKVRKDIQQWEPSRGWNDWTQVPFCSHHFHELIMKDGRVLVVPCRNQDELIGRARISQG
AGWSLRETACLGKSYAQMWSLMYFHRRDLRLAANAICSAVPSHWVPTSRTTWSIHATHEWMTTEDMLTVWNRVWIQENPW
MEDKTPVESWEEIPYLGKREDQWCGSLIGLTSRATWAKNIQTAINQVRSLIGNEEYTDYMPSMKRFRREEEEAGVLW
;
_entity_poly.pdbx_strand_id   A
#
# COMPACT_ATOMS: atom_id res chain seq x y z
N ASN A 10 31.87 1.47 5.62
CA ASN A 10 31.30 0.34 4.84
C ASN A 10 31.45 -0.96 5.65
N LEU A 11 32.54 -1.69 5.43
CA LEU A 11 32.78 -3.06 5.98
C LEU A 11 32.84 -3.01 7.50
N ASP A 12 33.23 -1.86 8.08
CA ASP A 12 33.20 -1.64 9.55
C ASP A 12 31.75 -1.73 10.04
N ILE A 13 30.83 -1.18 9.26
CA ILE A 13 29.37 -1.05 9.57
C ILE A 13 28.66 -2.39 9.34
N ILE A 14 29.01 -3.12 8.28
CA ILE A 14 28.35 -4.41 7.91
C ILE A 14 29.13 -5.64 8.40
N GLY A 15 30.45 -5.53 8.65
CA GLY A 15 31.36 -6.67 8.99
C GLY A 15 30.86 -7.54 10.13
N LYS A 16 30.50 -6.90 11.26
CA LYS A 16 30.03 -7.57 12.50
C LYS A 16 28.87 -8.51 12.14
N ARG A 17 27.90 -8.00 11.39
CA ARG A 17 26.73 -8.79 10.90
C ARG A 17 27.25 -9.94 10.04
N ILE A 18 28.17 -9.65 9.13
CA ILE A 18 28.78 -10.63 8.18
C ILE A 18 29.59 -11.66 8.99
N GLU A 19 30.51 -11.19 9.83
CA GLU A 19 31.37 -12.06 10.69
C GLU A 19 30.55 -13.04 11.52
N LYS A 20 29.46 -12.56 12.15
CA LYS A 20 28.58 -13.35 13.05
C LYS A 20 27.95 -14.51 12.27
N ILE A 21 27.48 -14.26 11.05
CA ILE A 21 26.77 -15.25 10.20
C ILE A 21 27.75 -16.38 9.84
N LYS A 22 28.95 -16.02 9.37
CA LYS A 22 30.01 -17.02 9.02
C LYS A 22 30.14 -18.01 10.18
N GLN A 23 30.55 -17.53 11.35
CA GLN A 23 30.75 -18.33 12.59
C GLN A 23 29.64 -19.38 12.73
N GLU A 24 28.38 -18.98 12.54
CA GLU A 24 27.25 -19.92 12.74
C GLU A 24 27.18 -20.91 11.57
N HIS A 25 28.04 -20.74 10.57
CA HIS A 25 28.05 -21.65 9.40
C HIS A 25 29.51 -21.89 8.98
N GLU A 26 30.43 -21.91 9.94
CA GLU A 26 31.88 -22.07 9.64
C GLU A 26 32.08 -23.41 8.92
N THR A 27 31.22 -24.39 9.18
CA THR A 27 31.38 -25.74 8.57
C THR A 27 31.04 -25.70 7.08
N SER A 28 30.19 -24.78 6.64
CA SER A 28 29.76 -24.79 5.22
C SER A 28 29.97 -23.43 4.54
N TRP A 29 31.10 -22.76 4.80
CA TRP A 29 31.31 -21.41 4.23
C TRP A 29 32.12 -21.52 2.94
N HIS A 30 31.82 -20.67 1.94
CA HIS A 30 32.54 -20.74 0.64
C HIS A 30 32.39 -19.42 -0.13
N TYR A 31 33.50 -18.85 -0.60
CA TYR A 31 33.45 -17.62 -1.43
C TYR A 31 33.36 -17.98 -2.91
N ASP A 32 32.23 -18.52 -3.34
CA ASP A 32 31.97 -18.95 -4.76
C ASP A 32 32.30 -17.81 -5.76
N GLN A 33 32.92 -18.18 -6.89
CA GLN A 33 33.48 -17.26 -7.93
C GLN A 33 32.57 -17.25 -9.18
N ASP A 34 31.47 -18.00 -9.16
CA ASP A 34 30.36 -17.94 -10.17
C ASP A 34 29.09 -17.42 -9.46
N HIS A 35 29.16 -16.23 -8.87
CA HIS A 35 28.04 -15.55 -8.16
C HIS A 35 27.38 -14.56 -9.11
N PRO A 36 26.03 -14.62 -9.29
CA PRO A 36 25.33 -13.81 -10.30
C PRO A 36 25.24 -12.29 -10.08
N TYR A 37 25.92 -11.75 -9.05
CA TYR A 37 25.77 -10.35 -8.58
C TYR A 37 26.82 -9.50 -9.29
N LYS A 38 26.38 -8.41 -9.92
CA LYS A 38 27.26 -7.29 -10.33
C LYS A 38 27.08 -6.08 -9.39
N THR A 39 25.83 -5.62 -9.21
CA THR A 39 25.49 -4.38 -8.46
C THR A 39 25.51 -4.65 -6.95
N TRP A 40 25.08 -5.84 -6.54
CA TRP A 40 25.13 -6.20 -5.09
C TRP A 40 26.58 -6.60 -4.75
N ALA A 41 26.95 -6.55 -3.47
CA ALA A 41 28.29 -7.00 -3.05
C ALA A 41 28.17 -8.41 -2.48
N TYR A 42 28.99 -9.34 -2.98
CA TYR A 42 28.92 -10.75 -2.53
C TYR A 42 29.95 -10.96 -1.42
N HIS A 43 29.62 -11.81 -0.44
CA HIS A 43 30.54 -11.98 0.71
C HIS A 43 30.84 -13.47 0.95
N GLY A 44 29.88 -14.35 0.67
CA GLY A 44 30.09 -15.78 0.95
C GLY A 44 28.81 -16.58 0.91
N SER A 45 28.89 -17.87 1.21
CA SER A 45 27.68 -18.75 1.13
C SER A 45 27.72 -19.85 2.17
N TYR A 46 26.66 -20.65 2.27
CA TYR A 46 26.57 -21.77 3.24
C TYR A 46 25.35 -22.64 2.89
N GLU A 47 25.12 -23.72 3.63
CA GLU A 47 24.22 -24.84 3.25
C GLU A 47 22.81 -24.66 3.85
N THR A 48 21.78 -24.74 3.00
CA THR A 48 20.34 -24.68 3.36
C THR A 48 19.51 -25.41 2.29
N LYS A 49 18.18 -25.21 2.30
CA LYS A 49 17.24 -25.76 1.30
C LYS A 49 15.79 -25.45 1.73
N SER A 55 2.28 -21.04 -1.90
CA SER A 55 1.48 -20.63 -3.09
C SER A 55 0.06 -20.22 -2.67
N SER A 56 -0.69 -19.65 -3.61
CA SER A 56 -2.08 -19.16 -3.44
C SER A 56 -3.04 -20.37 -3.49
N MET A 57 -3.90 -20.52 -2.46
CA MET A 57 -4.95 -21.57 -2.40
C MET A 57 -6.32 -20.95 -2.79
N VAL A 58 -7.27 -21.74 -3.28
CA VAL A 58 -8.61 -21.22 -3.64
C VAL A 58 -9.55 -21.29 -2.42
N ASN A 59 -10.28 -20.21 -2.17
CA ASN A 59 -11.38 -20.13 -1.20
C ASN A 59 -12.60 -20.77 -1.84
N GLY A 60 -12.96 -21.95 -1.39
CA GLY A 60 -14.07 -22.75 -1.94
C GLY A 60 -15.44 -22.12 -1.66
N VAL A 61 -15.58 -21.45 -0.54
CA VAL A 61 -16.87 -20.79 -0.25
C VAL A 61 -17.14 -19.78 -1.37
N VAL A 62 -16.19 -18.89 -1.67
CA VAL A 62 -16.40 -17.82 -2.69
C VAL A 62 -16.55 -18.49 -4.07
N ARG A 63 -15.72 -19.47 -4.38
CA ARG A 63 -15.78 -20.06 -5.72
C ARG A 63 -17.15 -20.74 -5.94
N LEU A 64 -17.67 -21.47 -4.96
CA LEU A 64 -18.94 -22.21 -5.17
C LEU A 64 -20.06 -21.18 -5.38
N LEU A 65 -19.91 -19.96 -4.88
CA LEU A 65 -20.99 -18.94 -5.03
C LEU A 65 -20.73 -17.97 -6.20
N THR A 66 -19.71 -18.24 -7.02
CA THR A 66 -19.37 -17.43 -8.22
C THR A 66 -19.12 -18.38 -9.40
N LYS A 67 -20.03 -19.30 -9.63
CA LYS A 67 -19.88 -20.34 -10.67
C LYS A 67 -19.72 -19.76 -12.10
N PRO A 68 -20.43 -18.72 -12.57
CA PRO A 68 -20.22 -18.23 -13.93
C PRO A 68 -18.74 -17.89 -14.20
N TRP A 69 -17.96 -17.61 -13.15
CA TRP A 69 -16.58 -17.10 -13.35
C TRP A 69 -15.63 -18.29 -13.46
N ASP A 70 -16.11 -19.52 -13.30
CA ASP A 70 -15.25 -20.73 -13.41
C ASP A 70 -14.71 -20.89 -14.83
N ILE A 71 -15.28 -20.17 -15.80
CA ILE A 71 -14.95 -20.30 -17.25
C ILE A 71 -14.35 -18.98 -17.78
N ILE A 72 -14.07 -17.97 -16.93
CA ILE A 72 -13.45 -16.68 -17.32
C ILE A 72 -11.97 -16.76 -17.01
N PRO A 73 -11.09 -16.90 -18.04
CA PRO A 73 -9.65 -17.02 -17.83
C PRO A 73 -9.01 -15.90 -17.00
N MET A 74 -9.47 -14.67 -17.10
CA MET A 74 -8.91 -13.57 -16.27
C MET A 74 -9.12 -13.92 -14.78
N VAL A 75 -10.24 -14.56 -14.41
CA VAL A 75 -10.50 -14.96 -12.99
C VAL A 75 -9.66 -16.19 -12.64
N THR A 76 -9.75 -17.26 -13.41
CA THR A 76 -9.19 -18.59 -13.07
C THR A 76 -7.67 -18.56 -13.10
N GLN A 77 -7.06 -17.79 -14.00
CA GLN A 77 -5.57 -17.71 -14.09
C GLN A 77 -5.00 -16.98 -12.88
N MET A 78 -5.74 -16.11 -12.21
CA MET A 78 -5.17 -15.35 -11.07
C MET A 78 -4.77 -16.33 -9.98
N ALA A 79 -5.41 -17.52 -9.92
CA ALA A 79 -5.16 -18.48 -8.82
C ALA A 79 -4.01 -19.44 -9.15
N MET A 80 -3.41 -19.39 -10.34
CA MET A 80 -2.31 -20.33 -10.71
C MET A 80 -0.95 -19.68 -10.42
N THR A 81 0.16 -20.41 -10.63
CA THR A 81 1.56 -19.90 -10.65
C THR A 81 2.52 -20.81 -9.93
N LYS A 93 16.49 -11.80 -7.33
CA LYS A 93 15.54 -11.27 -8.35
C LYS A 93 16.36 -10.69 -9.52
N GLU A 94 15.68 -10.16 -10.55
CA GLU A 94 16.30 -9.62 -11.79
C GLU A 94 16.49 -8.10 -11.68
N LYS A 95 15.40 -7.36 -11.48
CA LYS A 95 15.38 -5.86 -11.47
C LYS A 95 16.04 -5.35 -10.18
N VAL A 96 16.16 -6.20 -9.16
CA VAL A 96 16.87 -5.89 -7.89
C VAL A 96 18.37 -5.71 -8.20
N ASP A 97 18.90 -6.46 -9.17
CA ASP A 97 20.29 -6.30 -9.69
C ASP A 97 20.23 -5.26 -10.83
N THR A 98 20.06 -3.97 -10.49
CA THR A 98 20.27 -2.78 -11.37
C THR A 98 20.92 -1.70 -10.49
N ARG A 99 21.47 -0.62 -11.07
CA ARG A 99 22.08 0.51 -10.31
C ARG A 99 21.72 1.86 -10.96
N THR A 100 21.25 2.82 -10.15
CA THR A 100 20.86 4.19 -10.59
C THR A 100 22.05 5.14 -10.42
N GLN A 101 22.44 5.84 -11.50
CA GLN A 101 23.55 6.81 -11.51
C GLN A 101 23.27 7.92 -10.50
N GLU A 102 24.32 8.60 -10.03
CA GLU A 102 24.22 9.72 -9.06
C GLU A 102 23.63 10.93 -9.76
N PRO A 103 22.57 11.56 -9.19
CA PRO A 103 21.99 12.76 -9.78
C PRO A 103 23.06 13.85 -9.95
N LYS A 104 22.85 14.77 -10.90
CA LYS A 104 23.71 15.96 -11.08
C LYS A 104 23.58 16.87 -9.84
N GLU A 105 24.54 17.79 -9.66
CA GLU A 105 24.66 18.65 -8.46
C GLU A 105 23.44 19.57 -8.36
N GLY A 106 22.88 20.00 -9.51
CA GLY A 106 21.68 20.85 -9.55
C GLY A 106 20.45 20.10 -9.03
N THR A 107 20.31 18.83 -9.41
CA THR A 107 19.22 17.92 -8.96
C THR A 107 19.32 17.72 -7.43
N LYS A 108 20.48 17.27 -6.94
CA LYS A 108 20.82 17.12 -5.49
C LYS A 108 20.48 18.38 -4.67
N LYS A 109 20.79 19.57 -5.14
CA LYS A 109 20.41 20.83 -4.43
C LYS A 109 18.89 20.94 -4.30
N LEU A 110 18.16 20.76 -5.44
CA LEU A 110 16.66 20.83 -5.57
C LEU A 110 16.06 19.87 -4.54
N MET A 111 16.55 18.65 -4.50
CA MET A 111 16.09 17.55 -3.61
C MET A 111 16.33 17.93 -2.13
N LYS A 112 17.52 18.44 -1.79
CA LYS A 112 17.92 18.78 -0.39
C LYS A 112 17.07 19.97 0.07
N ILE A 113 16.90 21.00 -0.75
CA ILE A 113 16.09 22.19 -0.37
C ILE A 113 14.64 21.75 -0.15
N THR A 114 14.10 20.92 -1.06
CA THR A 114 12.66 20.52 -1.05
C THR A 114 12.41 19.60 0.16
N ALA A 115 13.31 18.64 0.39
CA ALA A 115 13.18 17.67 1.51
C ALA A 115 13.23 18.43 2.87
N GLU A 116 14.20 19.34 3.01
CA GLU A 116 14.33 20.18 4.24
C GLU A 116 13.00 20.91 4.45
N TRP A 117 12.46 21.59 3.44
CA TRP A 117 11.19 22.33 3.55
C TRP A 117 10.02 21.35 3.83
N LEU A 118 10.05 20.11 3.32
CA LEU A 118 8.87 19.23 3.41
C LEU A 118 8.79 18.63 4.83
N TRP A 119 9.91 18.14 5.37
CA TRP A 119 10.02 17.70 6.79
C TRP A 119 9.55 18.82 7.75
N LYS A 120 9.97 20.08 7.54
CA LYS A 120 9.47 21.21 8.36
C LYS A 120 7.96 21.30 8.25
N GLU A 121 7.37 21.26 7.04
CA GLU A 121 5.91 21.40 6.92
C GLU A 121 5.19 20.24 7.62
N LEU A 122 5.71 19.01 7.48
CA LEU A 122 5.02 17.81 8.03
C LEU A 122 5.13 17.88 9.57
N GLY A 123 6.17 18.56 10.05
CA GLY A 123 6.51 18.67 11.49
C GLY A 123 5.77 19.79 12.19
N LYS A 124 5.13 20.70 11.47
CA LYS A 124 4.57 21.93 12.11
C LYS A 124 3.53 21.58 13.18
N LYS A 125 2.70 20.57 12.94
CA LYS A 125 1.60 20.17 13.86
C LYS A 125 1.78 18.72 14.33
N LYS A 126 3.02 18.22 14.35
CA LYS A 126 3.29 16.83 14.79
C LYS A 126 4.57 16.85 15.61
N THR A 127 4.67 15.92 16.59
CA THR A 127 5.86 15.73 17.43
C THR A 127 6.42 14.33 17.20
N PRO A 128 7.64 14.20 16.64
CA PRO A 128 8.26 12.88 16.59
C PRO A 128 8.33 12.28 18.01
N ARG A 129 8.22 10.98 18.12
CA ARG A 129 8.27 10.31 19.45
C ARG A 129 8.58 8.85 19.22
N MET A 130 9.16 8.19 20.23
CA MET A 130 9.46 6.74 20.15
C MET A 130 8.16 5.96 20.27
N CYS A 131 8.02 4.86 19.56
CA CYS A 131 6.92 3.92 19.81
C CYS A 131 7.43 2.90 20.84
N THR A 132 6.53 2.21 21.52
CA THR A 132 6.84 1.44 22.76
C THR A 132 6.61 -0.07 22.56
N ARG A 133 7.26 -0.90 23.38
CA ARG A 133 7.05 -2.37 23.48
C ARG A 133 5.54 -2.64 23.60
N GLU A 134 4.89 -1.90 24.49
CA GLU A 134 3.45 -2.03 24.82
C GLU A 134 2.60 -1.77 23.56
N GLU A 135 3.04 -0.84 22.70
CA GLU A 135 2.41 -0.55 21.38
C GLU A 135 2.67 -1.72 20.42
N PHE A 136 3.94 -2.15 20.35
CA PHE A 136 4.40 -3.23 19.44
C PHE A 136 3.70 -4.55 19.78
N THR A 137 3.69 -4.90 21.07
CA THR A 137 3.08 -6.18 21.52
C THR A 137 1.63 -6.26 21.08
N ARG A 138 0.87 -5.18 21.28
CA ARG A 138 -0.57 -5.20 20.97
C ARG A 138 -0.76 -5.45 19.46
N LYS A 139 0.03 -4.78 18.63
CA LYS A 139 -0.12 -4.94 17.16
C LYS A 139 0.08 -6.42 16.81
N VAL A 140 1.07 -7.05 17.44
CA VAL A 140 1.39 -8.47 17.11
C VAL A 140 0.31 -9.37 17.70
N ARG A 141 -0.25 -8.99 18.85
CA ARG A 141 -1.32 -9.80 19.50
C ARG A 141 -2.63 -9.47 18.79
N SER A 142 -2.55 -8.72 17.69
CA SER A 142 -3.76 -8.40 16.90
C SER A 142 -3.47 -8.70 15.43
N ASN A 143 -2.41 -9.45 15.14
CA ASN A 143 -2.08 -9.86 13.75
C ASN A 143 -1.81 -8.65 12.85
N ALA A 144 -0.58 -8.51 12.36
CA ALA A 144 -0.26 -7.40 11.43
C ALA A 144 1.08 -7.72 10.73
N ALA A 145 1.28 -7.15 9.54
CA ALA A 145 2.53 -7.39 8.78
C ALA A 145 3.73 -6.77 9.51
N LEU A 146 4.66 -7.59 9.96
CA LEU A 146 5.88 -7.11 10.68
C LEU A 146 7.04 -8.09 10.42
N GLY A 147 7.30 -8.40 9.14
CA GLY A 147 8.37 -9.32 8.70
C GLY A 147 9.13 -9.92 9.88
N LYS A 155 13.73 -20.66 18.63
CA LYS A 155 13.45 -20.34 20.06
C LYS A 155 11.94 -20.14 20.22
N TRP A 156 11.34 -19.26 19.42
CA TRP A 156 9.88 -18.99 19.50
C TRP A 156 9.24 -19.27 18.15
N LYS A 157 8.15 -20.04 18.13
CA LYS A 157 7.42 -20.35 16.88
C LYS A 157 6.80 -19.06 16.33
N SER A 158 5.62 -18.69 16.83
CA SER A 158 4.94 -17.46 16.37
C SER A 158 5.61 -16.24 17.00
N ALA A 159 5.39 -15.05 16.43
CA ALA A 159 5.96 -13.81 16.99
C ALA A 159 5.16 -13.41 18.23
N ARG A 160 3.93 -13.90 18.36
CA ARG A 160 3.14 -13.61 19.57
C ARG A 160 3.88 -14.19 20.79
N GLU A 161 4.45 -15.39 20.63
CA GLU A 161 5.19 -16.05 21.74
C GLU A 161 6.42 -15.22 22.13
N ALA A 162 7.17 -14.75 21.12
CA ALA A 162 8.43 -14.02 21.41
C ALA A 162 8.13 -12.75 22.20
N VAL A 163 7.03 -12.06 21.88
CA VAL A 163 6.70 -10.76 22.54
C VAL A 163 6.44 -11.04 24.02
N GLU A 164 6.15 -12.30 24.36
CA GLU A 164 5.86 -12.67 25.77
C GLU A 164 7.13 -13.20 26.45
N ASP A 165 8.22 -13.38 25.69
CA ASP A 165 9.46 -13.97 26.25
C ASP A 165 10.46 -12.87 26.60
N SER A 166 10.79 -12.74 27.88
CA SER A 166 11.74 -11.70 28.34
C SER A 166 13.08 -11.86 27.62
N GLY A 167 13.49 -13.11 27.38
CA GLY A 167 14.78 -13.36 26.72
C GLY A 167 14.92 -12.53 25.46
N PHE A 168 13.92 -12.61 24.57
CA PHE A 168 13.77 -11.77 23.36
C PHE A 168 14.17 -10.32 23.69
N TRP A 169 13.43 -9.70 24.62
CA TRP A 169 13.66 -8.28 25.02
C TRP A 169 15.08 -8.01 25.54
N GLU A 170 15.74 -9.03 26.09
CA GLU A 170 17.15 -9.00 26.54
C GLU A 170 18.03 -8.88 25.29
N LEU A 171 17.67 -9.62 24.24
CA LEU A 171 18.34 -9.57 22.91
C LEU A 171 18.16 -8.17 22.32
N VAL A 172 16.91 -7.70 22.25
CA VAL A 172 16.52 -6.34 21.76
C VAL A 172 17.41 -5.30 22.45
N ASP A 173 17.44 -5.32 23.78
CA ASP A 173 18.25 -4.39 24.62
C ASP A 173 19.71 -4.43 24.15
N LYS A 174 20.26 -5.64 23.96
CA LYS A 174 21.67 -5.82 23.53
C LYS A 174 21.88 -5.04 22.23
N GLU A 175 21.02 -5.27 21.23
CA GLU A 175 21.08 -4.62 19.90
C GLU A 175 20.91 -3.11 20.06
N ARG A 176 19.89 -2.68 20.81
CA ARG A 176 19.59 -1.25 21.08
C ARG A 176 20.86 -0.55 21.57
N ASN A 177 21.50 -1.10 22.61
CA ASN A 177 22.74 -0.52 23.20
C ASN A 177 23.85 -0.50 22.15
N LEU A 178 23.93 -1.54 21.31
CA LEU A 178 24.85 -1.57 20.14
C LEU A 178 24.51 -0.44 19.15
N HIS A 179 23.23 -0.20 18.85
CA HIS A 179 22.84 0.91 17.93
C HIS A 179 23.27 2.28 18.51
N LEU A 180 23.08 2.50 19.82
CA LEU A 180 23.51 3.74 20.55
C LEU A 180 25.04 3.93 20.40
N GLU A 181 25.78 2.82 20.31
CA GLU A 181 27.25 2.72 20.10
C GLU A 181 27.61 3.13 18.67
N GLY A 182 26.63 3.11 17.75
CA GLY A 182 26.84 3.32 16.29
C GLY A 182 27.23 2.03 15.57
N LYS A 183 26.79 0.88 16.09
CA LYS A 183 27.14 -0.47 15.58
C LYS A 183 25.88 -1.35 15.52
N CYS A 184 25.95 -2.46 14.77
CA CYS A 184 24.81 -3.36 14.47
C CYS A 184 25.33 -4.80 14.37
N GLU A 185 24.59 -5.79 14.87
CA GLU A 185 25.00 -7.22 14.87
C GLU A 185 23.95 -8.14 14.21
N THR A 186 22.65 -7.90 14.36
CA THR A 186 21.62 -8.92 14.01
C THR A 186 20.51 -8.36 13.09
N CYS A 187 20.65 -7.15 12.57
CA CYS A 187 19.63 -6.51 11.69
C CYS A 187 19.98 -6.82 10.22
N VAL A 188 19.61 -8.03 9.78
CA VAL A 188 19.90 -8.56 8.42
C VAL A 188 18.58 -8.89 7.70
N TYR A 189 18.52 -8.60 6.40
CA TYR A 189 17.31 -8.79 5.57
C TYR A 189 17.30 -10.20 4.98
N ASN A 190 16.11 -10.74 4.70
CA ASN A 190 15.92 -12.05 4.01
C ASN A 190 15.03 -11.88 2.78
N MET A 191 15.62 -11.95 1.57
CA MET A 191 14.91 -11.78 0.27
C MET A 191 13.98 -12.97 0.04
N MET A 192 12.97 -12.82 -0.84
CA MET A 192 12.03 -13.89 -1.26
C MET A 192 11.23 -13.44 -2.49
N ALA A 210 9.13 -8.40 -4.21
CA ALA A 210 10.19 -9.14 -3.48
C ALA A 210 10.31 -8.49 -2.08
N ILE A 211 9.72 -9.14 -1.06
CA ILE A 211 9.62 -8.61 0.33
C ILE A 211 10.84 -9.09 1.14
N TRP A 212 11.50 -8.17 1.85
CA TRP A 212 12.65 -8.55 2.71
C TRP A 212 12.19 -8.63 4.16
N TYR A 213 12.10 -9.84 4.71
CA TYR A 213 11.67 -10.03 6.12
C TYR A 213 12.86 -9.78 7.05
N MET A 214 12.59 -9.54 8.34
CA MET A 214 13.66 -9.37 9.34
C MET A 214 13.21 -10.05 10.63
N TRP A 215 14.13 -10.31 11.56
CA TRP A 215 13.72 -10.89 12.87
C TRP A 215 12.86 -9.86 13.64
N LEU A 216 11.88 -10.33 14.40
CA LEU A 216 10.93 -9.41 15.09
C LEU A 216 11.69 -8.31 15.85
N GLY A 217 12.81 -8.65 16.48
CA GLY A 217 13.52 -7.65 17.30
C GLY A 217 13.92 -6.45 16.47
N ALA A 218 14.43 -6.71 15.26
CA ALA A 218 14.85 -5.62 14.35
C ALA A 218 13.62 -4.84 13.88
N ARG A 219 12.50 -5.53 13.67
CA ARG A 219 11.23 -4.84 13.29
C ARG A 219 10.83 -3.90 14.42
N PHE A 220 11.04 -4.33 15.67
CA PHE A 220 10.72 -3.47 16.84
C PHE A 220 11.58 -2.22 16.81
N LEU A 221 12.87 -2.40 16.60
CA LEU A 221 13.80 -1.24 16.65
C LEU A 221 13.45 -0.26 15.55
N GLU A 222 13.01 -0.76 14.39
CA GLU A 222 12.56 0.15 13.30
C GLU A 222 11.26 0.84 13.74
N PHE A 223 10.33 0.10 14.33
CA PHE A 223 9.03 0.65 14.78
C PHE A 223 9.25 1.64 15.92
N GLU A 224 10.16 1.32 16.83
CA GLU A 224 10.51 2.22 17.96
C GLU A 224 10.97 3.58 17.42
N ALA A 225 11.86 3.56 16.43
CA ALA A 225 12.49 4.78 15.90
C ALA A 225 11.59 5.51 14.91
N LEU A 226 10.78 4.80 14.09
CA LEU A 226 10.12 5.41 12.89
C LEU A 226 8.61 5.12 12.81
N GLY A 227 8.08 4.26 13.68
CA GLY A 227 6.64 3.92 13.71
C GLY A 227 5.78 5.16 13.85
N PHE A 228 6.30 6.22 14.44
CA PHE A 228 5.50 7.46 14.65
C PHE A 228 4.95 7.94 13.30
N LEU A 229 5.69 7.78 12.20
CA LEU A 229 5.27 8.33 10.87
C LEU A 229 3.87 7.79 10.52
N ASN A 230 3.69 6.49 10.74
CA ASN A 230 2.40 5.82 10.47
C ASN A 230 1.48 5.98 11.68
N GLU A 231 1.94 5.65 12.90
CA GLU A 231 1.06 5.61 14.12
C GLU A 231 0.41 6.98 14.37
N ASP A 232 1.08 8.09 14.03
CA ASP A 232 0.61 9.48 14.28
C ASP A 232 0.27 10.17 12.94
N HIS A 233 0.12 9.41 11.86
CA HIS A 233 -0.59 9.89 10.66
C HIS A 233 0.11 11.12 10.07
N TRP A 234 1.41 11.04 9.85
CA TRP A 234 2.20 12.18 9.27
C TRP A 234 1.74 12.46 7.84
N PHE A 235 1.31 11.42 7.12
CA PHE A 235 0.94 11.47 5.69
C PHE A 235 -0.59 11.43 5.52
N SER A 236 -1.33 11.76 6.58
CA SER A 236 -2.77 12.12 6.53
C SER A 236 -2.96 13.21 5.48
N ARG A 237 -4.16 13.36 4.90
CA ARG A 237 -4.44 14.50 4.00
C ARG A 237 -4.37 15.83 4.77
N GLU A 238 -5.06 15.90 5.91
CA GLU A 238 -5.15 17.12 6.76
C GLU A 238 -3.73 17.62 7.06
N ASN A 239 -2.83 16.72 7.44
CA ASN A 239 -1.44 17.07 7.82
C ASN A 239 -0.60 17.46 6.59
N SER A 240 -0.45 16.55 5.61
CA SER A 240 0.59 16.59 4.53
C SER A 240 0.06 17.18 3.21
N LEU A 241 -1.27 17.29 3.05
CA LEU A 241 -1.95 18.00 1.91
C LEU A 241 -2.03 17.16 0.61
N SER A 242 -0.94 16.44 0.26
CA SER A 242 -0.88 15.51 -0.89
C SER A 242 -1.27 14.09 -0.45
N GLY A 243 -0.97 13.73 0.79
CA GLY A 243 -1.16 12.35 1.28
C GLY A 243 -2.61 11.97 1.44
N VAL A 244 -2.83 10.66 1.59
CA VAL A 244 -4.18 10.08 1.72
C VAL A 244 -4.15 8.93 2.76
N GLU A 245 -3.16 8.90 3.64
CA GLU A 245 -3.01 7.78 4.61
C GLU A 245 -4.21 7.76 5.58
N GLY A 246 -4.84 6.60 5.74
CA GLY A 246 -6.00 6.47 6.64
C GLY A 246 -7.28 6.99 6.03
N GLU A 247 -7.26 7.35 4.74
CA GLU A 247 -8.46 7.98 4.12
C GLU A 247 -9.53 6.91 3.85
N GLY A 248 -9.19 5.84 3.15
CA GLY A 248 -10.24 4.85 2.81
C GLY A 248 -10.59 4.92 1.33
N LEU A 249 -11.03 3.79 0.77
N LEU A 249 -11.02 3.80 0.76
CA LEU A 249 -11.37 3.74 -0.68
CA LEU A 249 -11.37 3.75 -0.68
C LEU A 249 -12.65 4.54 -0.93
C LEU A 249 -12.65 4.56 -0.93
N HIS A 250 -13.44 4.76 0.13
CA HIS A 250 -14.71 5.52 -0.01
C HIS A 250 -14.47 7.03 -0.01
N LYS A 251 -13.22 7.45 0.18
CA LYS A 251 -12.88 8.90 0.22
C LYS A 251 -11.96 9.28 -0.96
N LEU A 252 -11.24 8.32 -1.54
CA LEU A 252 -10.22 8.62 -2.60
C LEU A 252 -10.90 9.30 -3.80
N GLY A 253 -12.07 8.79 -4.19
CA GLY A 253 -12.88 9.36 -5.27
C GLY A 253 -13.19 10.83 -5.03
N TYR A 254 -13.68 11.13 -3.85
CA TYR A 254 -14.03 12.52 -3.46
C TYR A 254 -12.79 13.39 -3.45
N ILE A 255 -11.68 12.85 -3.01
CA ILE A 255 -10.40 13.59 -2.99
C ILE A 255 -9.95 13.92 -4.43
N LEU A 256 -9.96 12.96 -5.37
CA LEU A 256 -9.63 13.20 -6.79
C LEU A 256 -10.57 14.24 -7.38
N ARG A 257 -11.87 14.15 -7.07
CA ARG A 257 -12.85 15.17 -7.53
C ARG A 257 -12.48 16.56 -6.98
N ASP A 258 -11.99 16.67 -5.74
CA ASP A 258 -11.63 18.01 -5.18
C ASP A 258 -10.42 18.60 -5.94
N VAL A 259 -9.38 17.81 -6.17
CA VAL A 259 -8.20 18.20 -6.98
C VAL A 259 -8.70 18.68 -8.36
N SER A 260 -9.66 17.98 -9.00
CA SER A 260 -10.21 18.36 -10.33
C SER A 260 -10.81 19.76 -10.28
N LYS A 261 -11.28 20.23 -9.14
CA LYS A 261 -12.00 21.52 -8.98
C LYS A 261 -11.03 22.70 -9.12
N LYS A 262 -9.75 22.47 -8.87
CA LYS A 262 -8.64 23.47 -8.99
C LYS A 262 -8.47 23.87 -10.46
N GLU A 263 -8.15 25.14 -10.69
CA GLU A 263 -7.74 25.65 -12.02
C GLU A 263 -6.41 24.98 -12.36
N GLY A 264 -6.26 24.42 -13.56
CA GLY A 264 -4.97 23.92 -14.06
C GLY A 264 -5.09 23.14 -15.36
N GLY A 265 -4.11 22.30 -15.68
CA GLY A 265 -4.21 21.48 -16.90
C GLY A 265 -4.83 20.10 -16.63
N ALA A 266 -4.36 19.12 -17.37
CA ALA A 266 -4.81 17.72 -17.31
C ALA A 266 -4.41 17.18 -15.94
N MET A 267 -4.94 16.03 -15.57
CA MET A 267 -4.48 15.25 -14.40
C MET A 267 -3.45 14.24 -14.94
N TYR A 268 -2.29 14.15 -14.31
CA TYR A 268 -1.21 13.25 -14.72
C TYR A 268 -1.12 12.17 -13.65
N ALA A 269 -0.94 10.94 -14.09
CA ALA A 269 -0.82 9.76 -13.22
C ALA A 269 0.22 8.85 -13.83
N ASP A 270 1.47 9.29 -13.85
CA ASP A 270 2.60 8.46 -14.33
C ASP A 270 3.05 7.53 -13.23
N ASP A 271 3.00 6.21 -13.49
CA ASP A 271 3.66 5.15 -12.70
C ASP A 271 5.17 5.29 -12.86
N THR A 272 5.94 4.86 -11.87
CA THR A 272 7.41 4.72 -11.95
C THR A 272 7.67 3.26 -12.22
N ALA A 273 8.66 2.97 -13.07
CA ALA A 273 9.15 1.60 -13.32
C ALA A 273 10.04 1.12 -12.15
N GLY A 274 9.48 0.24 -11.31
CA GLY A 274 10.18 -0.39 -10.16
C GLY A 274 10.70 0.64 -9.16
N TRP A 275 9.79 1.43 -8.58
CA TRP A 275 10.10 2.56 -7.66
C TRP A 275 11.14 2.23 -6.58
N ASP A 276 10.96 1.12 -5.86
CA ASP A 276 11.83 0.67 -4.75
C ASP A 276 13.27 0.56 -5.25
N THR A 277 13.47 -0.01 -6.45
CA THR A 277 14.82 -0.21 -7.06
C THR A 277 15.49 1.10 -7.47
N ARG A 278 14.73 2.20 -7.58
CA ARG A 278 15.20 3.52 -8.10
C ARG A 278 15.42 4.52 -6.96
N ILE A 279 15.31 4.08 -5.71
CA ILE A 279 15.61 4.94 -4.52
C ILE A 279 17.14 5.05 -4.42
N THR A 280 17.67 6.26 -4.57
CA THR A 280 19.12 6.55 -4.59
C THR A 280 19.61 6.75 -3.14
N LEU A 281 20.91 6.60 -2.91
CA LEU A 281 21.52 6.96 -1.61
C LEU A 281 21.19 8.42 -1.33
N GLU A 282 21.08 9.21 -2.40
CA GLU A 282 20.73 10.66 -2.35
C GLU A 282 19.32 10.81 -1.74
N ASP A 283 18.46 9.83 -1.99
CA ASP A 283 17.06 9.77 -1.46
C ASP A 283 17.09 9.29 -0.01
N LEU A 284 17.91 8.28 0.29
CA LEU A 284 17.98 7.65 1.65
C LEU A 284 18.56 8.63 2.67
N LYS A 285 19.22 9.71 2.21
CA LYS A 285 19.86 10.76 3.05
C LYS A 285 18.89 11.94 3.25
N ASN A 286 18.14 12.32 2.23
CA ASN A 286 17.08 13.35 2.38
C ASN A 286 15.96 12.85 3.32
N GLU A 287 15.67 11.55 3.30
CA GLU A 287 14.70 10.89 4.21
C GLU A 287 15.23 10.98 5.65
N GLU A 288 16.54 10.74 5.84
CA GLU A 288 17.24 10.76 7.15
C GLU A 288 17.04 12.12 7.84
N MET A 289 16.79 13.19 7.10
CA MET A 289 16.72 14.56 7.66
C MET A 289 15.48 14.71 8.56
N VAL A 290 14.62 13.70 8.62
CA VAL A 290 13.53 13.66 9.66
C VAL A 290 14.17 13.62 11.07
N THR A 291 15.35 13.01 11.27
CA THR A 291 16.07 13.00 12.58
C THR A 291 16.39 14.41 13.12
N ASN A 292 16.58 15.37 12.21
CA ASN A 292 16.77 16.82 12.53
C ASN A 292 15.68 17.31 13.50
N HIS A 293 14.49 16.71 13.46
CA HIS A 293 13.29 17.20 14.19
C HIS A 293 13.15 16.46 15.52
N MET A 294 14.11 15.56 15.77
CA MET A 294 14.04 14.69 16.96
C MET A 294 15.02 15.16 18.03
N GLU A 295 15.09 14.42 19.13
CA GLU A 295 15.97 14.81 20.25
C GLU A 295 16.26 13.61 21.14
N GLY A 296 17.33 13.68 21.92
CA GLY A 296 17.64 12.62 22.91
C GLY A 296 17.95 11.28 22.30
N GLU A 297 17.59 10.21 23.00
CA GLU A 297 17.87 8.83 22.53
C GLU A 297 17.17 8.58 21.19
N HIS A 298 15.98 9.15 21.00
CA HIS A 298 15.20 8.92 19.75
C HIS A 298 16.06 9.30 18.55
N LYS A 299 16.65 10.50 18.57
CA LYS A 299 17.44 10.97 17.42
C LYS A 299 18.55 9.95 17.12
N LYS A 300 19.22 9.46 18.15
CA LYS A 300 20.35 8.51 17.95
C LYS A 300 19.83 7.17 17.41
N LEU A 301 18.74 6.68 17.99
CA LEU A 301 18.16 5.37 17.56
C LEU A 301 17.73 5.47 16.09
N ALA A 302 17.08 6.57 15.72
CA ALA A 302 16.62 6.78 14.33
C ALA A 302 17.81 6.96 13.39
N GLU A 303 18.82 7.70 13.82
CA GLU A 303 20.04 7.90 13.00
C GLU A 303 20.69 6.54 12.74
N ALA A 304 20.61 5.64 13.73
CA ALA A 304 21.20 4.29 13.58
C ALA A 304 20.39 3.46 12.58
N ILE A 305 19.06 3.46 12.71
CA ILE A 305 18.19 2.73 11.74
C ILE A 305 18.61 3.18 10.33
N PHE A 306 18.68 4.50 10.11
CA PHE A 306 18.97 5.12 8.79
C PHE A 306 20.40 4.77 8.29
N LYS A 307 21.39 5.00 9.17
CA LYS A 307 22.85 4.78 8.93
C LYS A 307 23.13 3.31 8.63
N LEU A 308 22.59 2.39 9.43
CA LEU A 308 23.08 0.99 9.53
C LEU A 308 22.21 0.03 8.69
N THR A 309 20.87 0.14 8.78
CA THR A 309 19.93 -0.85 8.20
C THR A 309 19.23 -0.31 6.94
N TYR A 310 19.50 0.93 6.53
CA TYR A 310 18.81 1.60 5.40
C TYR A 310 19.85 2.11 4.38
N GLN A 311 21.02 2.55 4.85
CA GLN A 311 22.08 3.16 4.01
C GLN A 311 23.28 2.21 3.88
N ASN A 312 23.15 0.98 4.39
CA ASN A 312 24.18 -0.09 4.34
C ASN A 312 23.53 -1.42 4.72
N LYS A 313 22.65 -1.95 3.86
CA LYS A 313 21.86 -3.18 4.14
C LYS A 313 22.77 -4.40 4.13
N VAL A 314 22.28 -5.52 4.66
CA VAL A 314 22.91 -6.87 4.59
C VAL A 314 21.76 -7.86 4.40
N VAL A 315 21.87 -8.75 3.41
CA VAL A 315 20.74 -9.60 2.94
C VAL A 315 21.23 -11.03 2.73
N ARG A 316 20.41 -12.00 3.14
CA ARG A 316 20.73 -13.43 2.91
C ARG A 316 19.77 -13.95 1.84
N VAL A 317 20.29 -14.26 0.65
CA VAL A 317 19.42 -14.71 -0.47
C VAL A 317 19.68 -16.19 -0.76
N GLN A 318 18.62 -16.98 -0.94
CA GLN A 318 18.78 -18.41 -1.29
C GLN A 318 19.10 -18.55 -2.79
N ARG A 319 20.03 -19.43 -3.14
CA ARG A 319 20.34 -19.68 -4.57
C ARG A 319 20.35 -21.19 -4.79
N PRO A 320 19.36 -21.78 -5.49
CA PRO A 320 19.28 -23.22 -5.68
C PRO A 320 20.56 -23.76 -6.33
N THR A 321 21.18 -22.97 -7.21
CA THR A 321 22.46 -23.37 -7.84
C THR A 321 23.25 -24.25 -6.87
N THR A 325 21.01 -25.58 -3.22
CA THR A 325 20.43 -24.41 -2.52
C THR A 325 21.41 -23.92 -1.45
N VAL A 326 22.04 -22.76 -1.70
CA VAL A 326 22.93 -22.06 -0.74
C VAL A 326 22.27 -20.73 -0.36
N MET A 327 22.75 -20.08 0.71
CA MET A 327 22.22 -18.79 1.23
C MET A 327 23.29 -17.70 1.10
N ASP A 328 23.38 -17.10 -0.08
CA ASP A 328 24.32 -15.97 -0.38
C ASP A 328 24.12 -14.85 0.66
N ILE A 329 25.22 -14.27 1.13
CA ILE A 329 25.23 -13.07 2.00
C ILE A 329 25.75 -11.90 1.15
N ILE A 330 24.83 -11.04 0.70
CA ILE A 330 25.15 -9.87 -0.17
C ILE A 330 24.81 -8.59 0.58
N SER A 331 25.33 -7.46 0.10
CA SER A 331 25.13 -6.10 0.70
C SER A 331 24.96 -5.08 -0.43
N ARG A 332 24.58 -3.85 -0.07
CA ARG A 332 24.44 -2.68 -0.97
C ARG A 332 23.93 -1.49 -0.13
N ARG A 333 24.18 -0.28 -0.61
CA ARG A 333 23.91 0.98 0.14
C ARG A 333 22.55 1.58 -0.24
N ASP A 334 22.09 1.33 -1.48
CA ASP A 334 20.97 2.08 -2.10
C ASP A 334 19.76 1.14 -2.28
N GLN A 335 18.68 1.64 -2.93
CA GLN A 335 17.36 0.98 -3.07
C GLN A 335 16.61 0.99 -1.73
N ARG A 336 15.33 0.62 -1.76
CA ARG A 336 14.42 0.61 -0.59
C ARG A 336 14.50 -0.75 0.11
N GLY A 337 15.02 -0.73 1.34
CA GLY A 337 15.14 -1.90 2.24
C GLY A 337 14.74 -1.54 3.65
N SER A 338 13.43 -1.58 3.92
CA SER A 338 12.78 -1.22 5.21
C SER A 338 11.51 -2.04 5.37
N GLY A 339 10.82 -1.90 6.50
CA GLY A 339 9.53 -2.55 6.74
C GLY A 339 8.50 -1.99 5.77
N GLN A 340 7.48 -2.78 5.46
CA GLN A 340 6.45 -2.42 4.44
C GLN A 340 5.74 -1.12 4.84
N VAL A 341 5.57 -0.87 6.15
CA VAL A 341 4.84 0.33 6.64
C VAL A 341 5.76 1.55 6.65
N VAL A 342 7.02 1.43 7.06
CA VAL A 342 7.94 2.61 6.96
C VAL A 342 8.22 2.87 5.47
N THR A 343 8.33 1.82 4.65
CA THR A 343 8.46 1.96 3.16
C THR A 343 7.34 2.85 2.57
N TYR A 344 6.09 2.65 3.01
CA TYR A 344 4.91 3.41 2.56
C TYR A 344 5.18 4.91 2.81
N GLY A 345 5.54 5.26 4.04
CA GLY A 345 5.67 6.67 4.46
C GLY A 345 6.84 7.36 3.77
N LEU A 346 7.98 6.68 3.63
CA LEU A 346 9.19 7.26 3.01
C LEU A 346 9.03 7.31 1.47
N ASN A 347 8.35 6.31 0.87
CA ASN A 347 7.84 6.38 -0.52
C ASN A 347 6.92 7.60 -0.70
N THR A 348 5.91 7.78 0.16
CA THR A 348 5.04 8.96 0.03
C THR A 348 5.91 10.22 0.05
N PHE A 349 6.83 10.31 1.00
CA PHE A 349 7.63 11.54 1.25
C PHE A 349 8.47 11.89 0.00
N THR A 350 9.23 10.92 -0.48
CA THR A 350 10.18 11.09 -1.61
C THR A 350 9.38 11.34 -2.88
N ASN A 351 8.21 10.72 -3.05
CA ASN A 351 7.29 10.96 -4.17
C ASN A 351 6.76 12.38 -4.09
N MET A 352 6.31 12.83 -2.93
CA MET A 352 5.85 14.25 -2.76
C MET A 352 6.97 15.19 -3.25
N GLU A 353 8.20 14.92 -2.86
CA GLU A 353 9.39 15.77 -3.16
C GLU A 353 9.62 15.79 -4.69
N ALA A 354 9.69 14.62 -5.29
CA ALA A 354 9.89 14.48 -6.75
C ALA A 354 8.78 15.23 -7.51
N GLN A 355 7.51 15.09 -7.11
CA GLN A 355 6.41 15.71 -7.86
C GLN A 355 6.44 17.24 -7.67
N LEU A 356 6.80 17.78 -6.51
CA LEU A 356 6.91 19.26 -6.35
C LEU A 356 8.02 19.79 -7.27
N ILE A 357 9.12 19.07 -7.39
CA ILE A 357 10.26 19.46 -8.25
C ILE A 357 9.84 19.39 -9.72
N ARG A 358 9.12 18.35 -10.13
CA ARG A 358 8.62 18.31 -11.53
C ARG A 358 7.66 19.48 -11.74
N GLN A 359 6.83 19.81 -10.77
CA GLN A 359 5.96 21.02 -10.87
C GLN A 359 6.87 22.27 -10.98
N MET A 360 7.96 22.38 -10.22
CA MET A 360 8.84 23.59 -10.27
C MET A 360 9.39 23.75 -11.71
N GLU A 361 9.85 22.65 -12.29
CA GLU A 361 10.44 22.55 -13.63
C GLU A 361 9.41 22.99 -14.66
N GLY A 362 8.15 22.59 -14.55
CA GLY A 362 7.11 22.98 -15.51
C GLY A 362 6.78 24.47 -15.42
N GLU A 363 6.96 25.05 -14.25
CA GLU A 363 6.67 26.48 -14.00
C GLU A 363 7.94 27.30 -14.34
N GLY A 364 9.03 26.67 -14.74
CA GLY A 364 10.29 27.38 -15.03
C GLY A 364 10.86 28.07 -13.79
N VAL A 365 10.84 27.42 -12.62
CA VAL A 365 11.45 27.96 -11.37
C VAL A 365 12.97 27.91 -11.52
N PHE A 366 13.48 26.88 -12.21
CA PHE A 366 14.91 26.70 -12.54
C PHE A 366 15.06 26.26 -14.02
N LYS A 367 16.19 26.61 -14.62
CA LYS A 367 16.44 26.50 -16.08
C LYS A 367 17.09 25.14 -16.35
N SER A 368 17.96 24.66 -15.46
CA SER A 368 18.76 23.43 -15.74
C SER A 368 19.18 22.75 -14.45
N ILE A 369 19.27 21.42 -14.50
CA ILE A 369 19.56 20.50 -13.37
C ILE A 369 21.07 20.31 -13.22
N GLN A 370 21.83 20.81 -14.20
CA GLN A 370 23.31 20.61 -14.26
C GLN A 370 23.92 21.30 -13.04
N HIS A 371 23.44 22.51 -12.74
CA HIS A 371 23.91 23.36 -11.62
C HIS A 371 22.86 24.45 -11.34
N LEU A 372 22.58 24.70 -10.06
CA LEU A 372 21.63 25.74 -9.60
C LEU A 372 22.42 27.00 -9.24
N THR A 373 22.10 28.15 -9.84
CA THR A 373 22.67 29.47 -9.49
C THR A 373 22.26 29.78 -8.05
N VAL A 374 22.84 30.82 -7.44
CA VAL A 374 22.53 31.23 -6.04
C VAL A 374 21.12 31.83 -6.02
N THR A 375 20.77 32.60 -7.06
CA THR A 375 19.46 33.29 -7.20
C THR A 375 18.37 32.26 -7.50
N GLU A 376 18.70 31.19 -8.23
CA GLU A 376 17.76 30.06 -8.50
C GLU A 376 17.40 29.41 -7.16
N GLU A 377 18.41 29.09 -6.34
CA GLU A 377 18.21 28.53 -4.97
C GLU A 377 17.17 29.38 -4.25
N ILE A 378 17.42 30.68 -4.10
CA ILE A 378 16.48 31.62 -3.41
C ILE A 378 15.11 31.52 -4.10
N ALA A 379 15.06 31.43 -5.43
CA ALA A 379 13.78 31.39 -6.19
C ALA A 379 12.97 30.10 -5.87
N VAL A 380 13.65 28.95 -5.80
CA VAL A 380 13.09 27.64 -5.36
C VAL A 380 12.55 27.80 -3.93
N LYS A 381 13.35 28.38 -3.03
CA LYS A 381 12.97 28.55 -1.61
C LYS A 381 11.72 29.41 -1.51
N ASN A 382 11.67 30.53 -2.27
CA ASN A 382 10.55 31.50 -2.24
C ASN A 382 9.27 30.85 -2.79
N TRP A 383 9.41 30.09 -3.88
CA TRP A 383 8.31 29.29 -4.48
C TRP A 383 7.70 28.40 -3.39
N LEU A 384 8.54 27.56 -2.77
CA LEU A 384 8.12 26.62 -1.69
C LEU A 384 7.40 27.38 -0.57
N VAL A 385 7.89 28.55 -0.19
CA VAL A 385 7.33 29.35 0.94
C VAL A 385 6.05 30.02 0.47
N ARG A 386 6.03 30.49 -0.78
CA ARG A 386 4.91 31.30 -1.33
C ARG A 386 3.77 30.37 -1.80
N VAL A 387 4.08 29.23 -2.43
CA VAL A 387 3.02 28.38 -3.07
C VAL A 387 3.13 26.88 -2.77
N GLY A 388 4.14 26.43 -2.02
CA GLY A 388 4.40 25.01 -1.72
C GLY A 388 3.13 24.30 -1.24
N ARG A 389 2.42 24.89 -0.31
CA ARG A 389 1.23 24.25 0.30
C ARG A 389 0.17 24.12 -0.78
N GLU A 390 -0.02 25.16 -1.59
CA GLU A 390 -1.03 25.13 -2.70
C GLU A 390 -0.67 23.99 -3.66
N ARG A 391 0.61 23.87 -4.01
CA ARG A 391 1.11 22.85 -4.96
C ARG A 391 0.91 21.42 -4.40
N LEU A 392 1.07 21.22 -3.09
CA LEU A 392 0.87 19.90 -2.42
C LEU A 392 -0.64 19.53 -2.44
N SER A 393 -1.52 20.53 -2.39
CA SER A 393 -2.97 20.31 -2.44
C SER A 393 -3.44 19.90 -3.83
N ARG A 394 -2.57 20.03 -4.85
CA ARG A 394 -2.89 19.71 -6.27
C ARG A 394 -2.53 18.25 -6.55
N MET A 395 -2.15 17.51 -5.51
CA MET A 395 -1.68 16.11 -5.67
C MET A 395 -2.40 15.17 -4.70
N ALA A 396 -2.58 13.91 -5.12
CA ALA A 396 -2.97 12.78 -4.26
C ALA A 396 -1.82 11.76 -4.38
N ILE A 397 -1.12 11.43 -3.29
CA ILE A 397 0.08 10.57 -3.31
C ILE A 397 -0.08 9.47 -2.27
N SER A 398 0.03 8.21 -2.72
CA SER A 398 -0.02 7.02 -1.88
C SER A 398 1.23 6.20 -2.16
N GLY A 399 2.27 6.35 -1.35
CA GLY A 399 3.55 5.68 -1.63
C GLY A 399 4.04 6.03 -3.03
N ASP A 400 4.34 5.02 -3.85
CA ASP A 400 4.91 5.25 -5.21
C ASP A 400 3.82 5.71 -6.19
N ASP A 401 2.58 5.80 -5.77
CA ASP A 401 1.46 6.08 -6.69
C ASP A 401 1.07 7.54 -6.57
N CYS A 402 0.85 8.24 -7.69
CA CYS A 402 0.46 9.67 -7.68
C CYS A 402 -0.55 10.04 -8.76
N VAL A 403 -1.25 11.14 -8.46
CA VAL A 403 -2.10 11.93 -9.40
C VAL A 403 -1.73 13.39 -9.14
N VAL A 404 -1.33 14.13 -10.16
CA VAL A 404 -0.96 15.58 -10.09
C VAL A 404 -1.84 16.34 -11.04
N LYS A 405 -2.51 17.39 -10.55
CA LYS A 405 -3.15 18.41 -11.40
C LYS A 405 -2.27 19.66 -11.38
N PRO A 406 -1.29 19.79 -12.30
CA PRO A 406 -0.41 20.96 -12.30
C PRO A 406 -1.11 22.25 -12.77
N LEU A 407 -0.41 23.36 -12.60
CA LEU A 407 -0.87 24.72 -13.00
C LEU A 407 -1.25 24.74 -14.49
N ASP A 408 -0.56 23.96 -15.33
CA ASP A 408 -0.86 23.88 -16.79
C ASP A 408 -0.13 22.68 -17.40
N ASP A 409 -0.23 22.47 -18.71
CA ASP A 409 0.29 21.25 -19.36
C ASP A 409 1.78 21.35 -19.71
N ARG A 410 2.51 22.40 -19.31
CA ARG A 410 3.99 22.37 -19.43
C ARG A 410 4.57 21.20 -18.64
N PHE A 411 3.95 20.84 -17.50
CA PHE A 411 4.33 19.68 -16.66
C PHE A 411 4.57 18.44 -17.53
N ALA A 412 3.74 18.21 -18.56
CA ALA A 412 3.77 16.99 -19.40
C ALA A 412 5.16 16.72 -20.01
N SER A 413 5.92 17.76 -20.35
CA SER A 413 7.27 17.60 -20.97
C SER A 413 8.38 18.09 -20.04
N ALA A 414 8.08 18.36 -18.76
CA ALA A 414 9.10 18.68 -17.73
C ALA A 414 9.68 17.37 -17.21
N LEU A 415 10.71 16.84 -17.85
CA LEU A 415 11.17 15.45 -17.62
C LEU A 415 12.61 15.38 -17.14
N THR A 416 13.36 16.48 -17.10
CA THR A 416 14.84 16.37 -16.92
C THR A 416 15.12 16.03 -15.46
N ALA A 417 14.50 16.75 -14.51
CA ALA A 417 14.68 16.49 -13.06
C ALA A 417 14.15 15.09 -12.72
N LEU A 418 12.97 14.72 -13.23
CA LEU A 418 12.34 13.41 -12.89
C LEU A 418 13.21 12.26 -13.36
N ASN A 419 13.70 12.33 -14.60
CA ASN A 419 14.57 11.28 -15.18
C ASN A 419 15.89 11.27 -14.41
N ASP A 420 16.47 12.44 -14.11
CA ASP A 420 17.80 12.55 -13.42
C ASP A 420 17.73 12.11 -11.95
N MET A 421 16.60 12.30 -11.25
CA MET A 421 16.38 11.71 -9.89
C MET A 421 16.25 10.18 -10.00
N GLY A 422 16.14 9.62 -11.21
CA GLY A 422 16.02 8.16 -11.44
C GLY A 422 14.60 7.63 -11.37
N LYS A 423 13.60 8.50 -11.26
CA LYS A 423 12.15 8.11 -11.21
C LYS A 423 11.59 8.02 -12.65
N VAL A 424 12.13 7.06 -13.40
CA VAL A 424 11.85 6.84 -14.85
C VAL A 424 10.42 6.31 -14.98
N ARG A 425 9.62 6.92 -15.86
CA ARG A 425 8.19 6.56 -16.07
C ARG A 425 8.13 5.16 -16.68
N LYS A 426 7.12 4.34 -16.29
CA LYS A 426 6.78 3.00 -16.84
C LYS A 426 6.09 3.13 -18.23
N ASP A 427 6.46 2.28 -19.21
CA ASP A 427 5.73 2.09 -20.50
C ASP A 427 5.53 3.40 -21.29
N ILE A 428 6.59 4.20 -21.45
CA ILE A 428 6.61 5.43 -22.29
C ILE A 428 8.09 5.78 -22.47
N GLN A 429 8.49 6.25 -23.64
CA GLN A 429 9.93 6.53 -23.92
C GLN A 429 10.39 7.69 -23.05
N GLN A 430 11.63 7.59 -22.61
CA GLN A 430 12.19 8.44 -21.55
C GLN A 430 11.85 9.91 -21.80
N TRP A 431 11.84 10.36 -23.07
CA TRP A 431 11.75 11.82 -23.39
C TRP A 431 10.43 12.17 -24.09
N GLU A 432 9.50 11.22 -24.14
CA GLU A 432 8.13 11.39 -24.72
C GLU A 432 7.25 12.06 -23.66
N PRO A 433 6.49 13.11 -24.00
CA PRO A 433 5.65 13.81 -23.02
C PRO A 433 4.54 12.93 -22.45
N SER A 434 4.27 13.09 -21.16
CA SER A 434 3.20 12.41 -20.42
C SER A 434 1.86 12.66 -21.11
N ARG A 435 1.06 11.60 -21.27
CA ARG A 435 -0.39 11.64 -21.60
C ARG A 435 -1.15 12.02 -20.33
N GLY A 436 -1.88 13.14 -20.34
CA GLY A 436 -2.72 13.54 -19.20
C GLY A 436 -4.16 13.06 -19.33
N TRP A 437 -4.94 13.10 -18.27
CA TRP A 437 -6.37 12.73 -18.32
C TRP A 437 -7.15 14.01 -18.20
N ASN A 438 -8.25 14.12 -18.96
CA ASN A 438 -9.13 15.32 -19.04
C ASN A 438 -10.35 15.17 -18.12
N ASP A 439 -10.60 13.96 -17.59
CA ASP A 439 -11.79 13.66 -16.75
C ASP A 439 -11.33 12.89 -15.48
N TRP A 440 -11.62 13.40 -14.30
CA TRP A 440 -11.21 12.80 -13.00
C TRP A 440 -11.78 11.37 -12.87
N THR A 441 -12.86 11.07 -13.58
CA THR A 441 -13.52 9.72 -13.57
C THR A 441 -12.79 8.68 -14.42
N GLN A 442 -11.76 9.09 -15.16
CA GLN A 442 -10.89 8.20 -15.99
C GLN A 442 -9.53 7.94 -15.32
N VAL A 443 -9.11 8.83 -14.40
CA VAL A 443 -7.75 8.77 -13.75
C VAL A 443 -7.61 7.47 -12.99
N PRO A 444 -6.54 6.68 -13.23
CA PRO A 444 -6.22 5.55 -12.36
C PRO A 444 -5.54 6.03 -11.06
N PHE A 445 -5.90 5.46 -9.92
CA PHE A 445 -5.25 5.75 -8.62
C PHE A 445 -5.54 4.58 -7.67
N CYS A 446 -4.49 4.00 -7.06
CA CYS A 446 -4.55 2.85 -6.11
C CYS A 446 -5.34 1.67 -6.68
N SER A 447 -5.07 1.35 -7.94
CA SER A 447 -5.62 0.19 -8.66
C SER A 447 -7.11 0.42 -8.95
N HIS A 448 -7.63 1.64 -8.82
CA HIS A 448 -9.08 1.95 -9.02
C HIS A 448 -9.31 3.09 -10.02
N HIS A 449 -10.55 3.22 -10.47
CA HIS A 449 -11.08 4.49 -11.00
C HIS A 449 -12.36 4.77 -10.22
N PHE A 450 -12.95 5.96 -10.43
CA PHE A 450 -14.06 6.49 -9.60
C PHE A 450 -15.21 6.96 -10.50
N HIS A 451 -16.43 6.55 -10.14
CA HIS A 451 -17.68 6.95 -10.81
C HIS A 451 -18.40 7.94 -9.91
N GLU A 452 -19.08 8.90 -10.55
CA GLU A 452 -20.10 9.78 -9.98
C GLU A 452 -21.44 9.08 -10.16
N LEU A 453 -22.16 8.90 -9.06
CA LEU A 453 -23.41 8.10 -9.02
C LEU A 453 -24.47 8.89 -8.26
N ILE A 454 -25.56 9.24 -8.94
CA ILE A 454 -26.67 10.07 -8.38
C ILE A 454 -27.74 9.13 -7.81
N MET A 455 -28.04 9.28 -6.53
CA MET A 455 -29.11 8.51 -5.84
C MET A 455 -30.48 9.06 -6.27
N LYS A 456 -31.50 8.23 -6.16
N LYS A 456 -31.50 8.20 -6.18
CA LYS A 456 -32.89 8.56 -6.58
CA LYS A 456 -32.91 8.52 -6.53
C LYS A 456 -33.35 9.83 -5.84
C LYS A 456 -33.30 9.85 -5.88
N ASP A 457 -32.75 10.16 -4.69
CA ASP A 457 -33.08 11.42 -3.94
C ASP A 457 -32.14 12.60 -4.27
N GLY A 458 -31.32 12.54 -5.32
CA GLY A 458 -30.43 13.62 -5.79
C GLY A 458 -29.06 13.63 -5.14
N ARG A 459 -28.86 12.98 -4.00
CA ARG A 459 -27.54 13.02 -3.32
C ARG A 459 -26.47 12.31 -4.18
N VAL A 460 -25.24 12.78 -4.08
CA VAL A 460 -24.14 12.35 -4.97
C VAL A 460 -23.17 11.41 -4.25
N LEU A 461 -23.03 10.20 -4.78
CA LEU A 461 -22.01 9.23 -4.33
C LEU A 461 -20.84 9.28 -5.33
N VAL A 462 -19.62 9.27 -4.81
CA VAL A 462 -18.39 9.04 -5.60
C VAL A 462 -17.83 7.71 -5.13
N VAL A 463 -17.88 6.72 -6.01
CA VAL A 463 -17.69 5.29 -5.67
C VAL A 463 -16.44 4.75 -6.35
N PRO A 464 -15.68 3.87 -5.65
CA PRO A 464 -14.50 3.25 -6.22
C PRO A 464 -14.90 2.07 -7.08
N CYS A 465 -14.06 1.70 -8.08
CA CYS A 465 -14.41 0.70 -9.09
C CYS A 465 -13.13 0.14 -9.71
N ARG A 466 -13.15 -1.13 -10.10
CA ARG A 466 -12.12 -1.69 -10.99
C ARG A 466 -12.70 -2.86 -11.77
N ASN A 467 -11.96 -3.33 -12.73
CA ASN A 467 -12.44 -4.47 -13.52
C ASN A 467 -12.95 -5.56 -12.56
N GLN A 468 -14.14 -6.06 -12.82
CA GLN A 468 -14.82 -6.96 -11.89
C GLN A 468 -14.11 -8.31 -11.87
N ASP A 469 -13.45 -8.67 -12.96
CA ASP A 469 -12.71 -9.96 -12.96
C ASP A 469 -11.63 -9.92 -11.88
N GLU A 470 -10.95 -8.79 -11.73
CA GLU A 470 -9.90 -8.58 -10.71
C GLU A 470 -10.51 -8.74 -9.30
N LEU A 471 -11.66 -8.14 -9.03
CA LEU A 471 -12.33 -8.25 -7.72
C LEU A 471 -12.71 -9.70 -7.42
N ILE A 472 -13.36 -10.36 -8.34
CA ILE A 472 -13.81 -11.76 -8.11
C ILE A 472 -12.59 -12.68 -8.00
N GLY A 473 -11.58 -12.51 -8.86
CA GLY A 473 -10.36 -13.34 -8.83
C GLY A 473 -9.57 -13.21 -7.50
N ARG A 474 -9.53 -12.03 -6.89
CA ARG A 474 -8.83 -11.83 -5.59
C ARG A 474 -9.62 -12.52 -4.45
N ALA A 475 -10.95 -12.39 -4.41
CA ALA A 475 -11.82 -13.00 -3.38
C ALA A 475 -11.74 -14.53 -3.42
N ARG A 476 -11.38 -15.11 -4.57
CA ARG A 476 -11.29 -16.59 -4.72
C ARG A 476 -9.94 -17.09 -4.23
N ILE A 477 -9.10 -16.23 -3.71
CA ILE A 477 -7.75 -16.63 -3.25
C ILE A 477 -7.62 -16.44 -1.73
N SER A 478 -7.09 -17.45 -1.05
CA SER A 478 -6.72 -17.40 0.39
C SER A 478 -5.25 -17.82 0.55
N GLN A 479 -4.40 -16.87 0.96
CA GLN A 479 -2.96 -17.09 1.25
C GLN A 479 -2.83 -17.66 2.67
N GLY A 480 -2.48 -18.96 2.78
CA GLY A 480 -2.19 -19.62 4.07
C GLY A 480 -2.50 -21.11 4.03
N ALA A 481 -1.92 -21.85 4.99
CA ALA A 481 -2.11 -23.30 5.21
C ALA A 481 -2.90 -23.53 6.50
N GLY A 482 -3.44 -24.74 6.68
CA GLY A 482 -4.14 -25.18 7.90
C GLY A 482 -5.41 -24.38 8.14
N TRP A 483 -6.08 -23.94 7.08
CA TRP A 483 -7.34 -23.15 7.17
C TRP A 483 -8.52 -24.10 7.32
N SER A 484 -9.25 -23.98 8.43
CA SER A 484 -10.48 -24.76 8.66
C SER A 484 -11.56 -24.31 7.65
N LEU A 485 -12.67 -25.03 7.54
CA LEU A 485 -13.87 -24.62 6.73
C LEU A 485 -14.44 -23.32 7.30
N ARG A 486 -14.39 -23.22 8.62
CA ARG A 486 -14.93 -22.05 9.34
C ARG A 486 -14.15 -20.76 9.00
N GLU A 487 -12.81 -20.81 9.00
CA GLU A 487 -12.00 -19.59 8.75
C GLU A 487 -12.00 -19.27 7.24
N THR A 488 -12.14 -20.27 6.37
CA THR A 488 -12.31 -20.05 4.90
C THR A 488 -13.64 -19.30 4.70
N ALA A 489 -14.70 -19.72 5.38
CA ALA A 489 -16.03 -19.08 5.30
C ALA A 489 -15.95 -17.62 5.77
N CYS A 490 -15.23 -17.34 6.88
CA CYS A 490 -15.15 -15.99 7.50
C CYS A 490 -14.29 -15.08 6.60
N LEU A 491 -13.28 -15.60 5.94
CA LEU A 491 -12.56 -14.82 4.89
C LEU A 491 -13.51 -14.49 3.72
N GLY A 492 -14.29 -15.46 3.25
CA GLY A 492 -15.27 -15.16 2.20
C GLY A 492 -16.22 -14.06 2.62
N LYS A 493 -16.67 -14.09 3.87
CA LYS A 493 -17.60 -13.07 4.43
C LYS A 493 -16.90 -11.71 4.50
N SER A 494 -15.59 -11.65 4.80
CA SER A 494 -14.84 -10.36 4.75
C SER A 494 -14.90 -9.78 3.32
N TYR A 495 -14.70 -10.59 2.30
CA TYR A 495 -14.80 -10.07 0.90
C TYR A 495 -16.23 -9.59 0.60
N ALA A 496 -17.22 -10.43 0.95
CA ALA A 496 -18.64 -10.10 0.72
C ALA A 496 -18.96 -8.74 1.34
N GLN A 497 -18.60 -8.52 2.61
CA GLN A 497 -18.95 -7.24 3.32
C GLN A 497 -18.16 -6.07 2.68
N MET A 498 -16.92 -6.31 2.28
CA MET A 498 -16.19 -5.25 1.55
C MET A 498 -16.96 -4.89 0.27
N TRP A 499 -17.42 -5.88 -0.46
CA TRP A 499 -18.16 -5.63 -1.71
C TRP A 499 -19.45 -4.83 -1.44
N SER A 500 -20.20 -5.18 -0.38
N SER A 500 -20.21 -5.18 -0.38
CA SER A 500 -21.46 -4.48 -0.02
CA SER A 500 -21.47 -4.48 -0.04
C SER A 500 -21.17 -3.03 0.34
C SER A 500 -21.18 -3.03 0.37
N LEU A 501 -20.00 -2.74 0.90
CA LEU A 501 -19.63 -1.39 1.34
C LEU A 501 -19.02 -0.55 0.22
N MET A 502 -18.16 -1.13 -0.60
CA MET A 502 -17.37 -0.35 -1.58
C MET A 502 -17.93 -0.51 -3.00
N TYR A 503 -18.40 -1.71 -3.37
CA TYR A 503 -18.75 -2.09 -4.76
C TYR A 503 -20.26 -2.41 -4.89
N PHE A 504 -21.12 -1.85 -4.04
CA PHE A 504 -22.59 -2.09 -4.00
C PHE A 504 -23.22 -1.75 -5.36
N HIS A 505 -22.55 -0.85 -6.10
CA HIS A 505 -23.06 -0.28 -7.40
C HIS A 505 -22.85 -1.27 -8.56
N ARG A 506 -22.18 -2.40 -8.32
CA ARG A 506 -21.89 -3.45 -9.32
C ARG A 506 -22.93 -4.55 -9.05
N ARG A 507 -23.81 -4.81 -10.02
CA ARG A 507 -24.96 -5.75 -9.91
C ARG A 507 -24.45 -7.13 -9.46
N ASP A 508 -23.38 -7.64 -10.08
CA ASP A 508 -22.91 -9.01 -9.79
C ASP A 508 -22.36 -9.08 -8.35
N LEU A 509 -21.74 -8.01 -7.88
CA LEU A 509 -21.04 -8.05 -6.58
C LEU A 509 -22.09 -7.89 -5.46
N ARG A 510 -23.15 -7.10 -5.67
CA ARG A 510 -24.17 -6.97 -4.61
C ARG A 510 -24.89 -8.30 -4.45
N LEU A 511 -25.15 -8.99 -5.57
CA LEU A 511 -25.84 -10.30 -5.59
C LEU A 511 -24.92 -11.35 -4.95
N ALA A 512 -23.65 -11.42 -5.35
CA ALA A 512 -22.72 -12.44 -4.81
C ALA A 512 -22.46 -12.18 -3.30
N ALA A 513 -22.42 -10.92 -2.86
CA ALA A 513 -22.17 -10.50 -1.47
C ALA A 513 -23.35 -11.00 -0.62
N ASN A 514 -24.56 -10.74 -1.09
CA ASN A 514 -25.80 -11.22 -0.42
C ASN A 514 -25.81 -12.73 -0.37
N ALA A 515 -25.42 -13.41 -1.46
CA ALA A 515 -25.35 -14.88 -1.44
C ALA A 515 -24.32 -15.36 -0.40
N ILE A 516 -23.12 -14.80 -0.36
CA ILE A 516 -22.08 -15.32 0.58
C ILE A 516 -22.55 -15.07 2.02
N CYS A 517 -23.06 -13.88 2.34
CA CYS A 517 -23.55 -13.55 3.70
C CYS A 517 -24.75 -14.43 4.08
N SER A 518 -25.49 -14.94 3.11
CA SER A 518 -26.63 -15.85 3.33
C SER A 518 -26.09 -17.25 3.59
N ALA A 519 -24.90 -17.55 3.05
CA ALA A 519 -24.33 -18.91 3.03
C ALA A 519 -23.44 -19.18 4.26
N VAL A 520 -22.93 -18.13 4.89
CA VAL A 520 -22.08 -18.18 6.10
C VAL A 520 -22.95 -17.86 7.32
N PRO A 521 -22.80 -18.62 8.43
CA PRO A 521 -23.55 -18.35 9.67
C PRO A 521 -23.60 -16.85 9.94
N SER A 522 -24.77 -16.33 10.29
N SER A 522 -24.78 -16.33 10.30
CA SER A 522 -24.94 -14.87 10.51
CA SER A 522 -24.94 -14.87 10.52
C SER A 522 -23.96 -14.31 11.55
C SER A 522 -23.96 -14.31 11.55
N HIS A 523 -23.76 -15.04 12.66
CA HIS A 523 -22.88 -14.53 13.76
C HIS A 523 -21.40 -14.86 13.61
N TRP A 524 -20.99 -15.60 12.57
CA TRP A 524 -19.53 -15.84 12.38
C TRP A 524 -18.83 -14.53 12.04
N VAL A 525 -17.66 -14.29 12.62
CA VAL A 525 -16.99 -12.97 12.51
C VAL A 525 -16.08 -13.02 11.28
N PRO A 526 -16.12 -11.99 10.42
CA PRO A 526 -15.15 -11.87 9.31
C PRO A 526 -13.69 -11.76 9.77
N THR A 527 -12.78 -12.50 9.11
CA THR A 527 -11.33 -12.60 9.45
C THR A 527 -10.46 -12.29 8.24
N SER A 528 -9.20 -11.93 8.51
CA SER A 528 -8.12 -11.64 7.53
C SER A 528 -6.76 -11.75 8.24
N ARG A 529 -5.92 -12.71 7.82
CA ARG A 529 -4.66 -13.11 8.52
C ARG A 529 -3.72 -11.90 8.66
N THR A 530 -3.56 -11.10 7.60
CA THR A 530 -2.79 -9.82 7.60
C THR A 530 -3.51 -8.78 6.73
N ALA A 536 -5.64 0.70 5.40
CA ALA A 536 -6.58 1.83 5.23
C ALA A 536 -7.71 1.72 6.26
N THR A 537 -8.91 2.19 5.90
CA THR A 537 -10.07 2.04 6.81
C THR A 537 -10.86 0.80 6.37
N HIS A 538 -10.87 -0.23 7.22
N HIS A 538 -10.86 -0.24 7.21
CA HIS A 538 -11.61 -1.49 6.90
CA HIS A 538 -11.61 -1.49 6.90
C HIS A 538 -12.90 -1.54 7.73
C HIS A 538 -12.89 -1.53 7.73
N GLU A 539 -13.90 -0.77 7.30
CA GLU A 539 -15.19 -0.73 8.05
C GLU A 539 -16.03 -1.99 7.82
N TRP A 540 -15.66 -2.82 6.84
CA TRP A 540 -16.40 -4.08 6.55
C TRP A 540 -16.03 -5.17 7.55
N MET A 541 -15.00 -4.95 8.35
CA MET A 541 -14.54 -5.97 9.34
C MET A 541 -15.37 -5.81 10.61
N THR A 542 -16.58 -6.35 10.61
CA THR A 542 -17.50 -6.20 11.75
C THR A 542 -18.67 -7.16 11.61
N THR A 543 -19.40 -7.39 12.70
CA THR A 543 -20.63 -8.24 12.69
C THR A 543 -21.87 -7.33 12.76
N GLU A 544 -21.69 -6.01 12.77
CA GLU A 544 -22.81 -5.06 12.64
C GLU A 544 -23.53 -5.27 11.31
N ASP A 545 -24.80 -4.88 11.26
CA ASP A 545 -25.67 -4.91 10.06
C ASP A 545 -25.02 -4.04 8.97
N MET A 546 -24.87 -4.56 7.75
CA MET A 546 -24.12 -3.83 6.66
C MET A 546 -24.94 -2.61 6.19
N LEU A 547 -26.27 -2.62 6.25
CA LEU A 547 -26.99 -1.38 5.90
C LEU A 547 -26.64 -0.28 6.91
N THR A 548 -26.44 -0.62 8.18
CA THR A 548 -26.14 0.40 9.22
C THR A 548 -24.74 0.99 8.96
N VAL A 549 -23.76 0.15 8.67
CA VAL A 549 -22.38 0.63 8.34
C VAL A 549 -22.42 1.48 7.07
N TRP A 550 -23.18 1.06 6.05
CA TRP A 550 -23.27 1.84 4.79
C TRP A 550 -23.74 3.26 5.09
N ASN A 551 -24.78 3.40 5.92
CA ASN A 551 -25.33 4.74 6.26
C ASN A 551 -24.27 5.57 6.99
N ARG A 552 -23.52 4.95 7.90
CA ARG A 552 -22.47 5.67 8.67
C ARG A 552 -21.36 6.14 7.75
N VAL A 553 -20.88 5.27 6.85
CA VAL A 553 -19.72 5.59 5.98
C VAL A 553 -20.12 6.54 4.84
N TRP A 554 -21.26 6.30 4.18
CA TRP A 554 -21.61 7.07 2.97
C TRP A 554 -22.45 8.32 3.26
N ILE A 555 -23.08 8.40 4.43
CA ILE A 555 -23.98 9.55 4.74
C ILE A 555 -23.52 10.29 5.99
N GLN A 556 -23.62 9.66 7.16
CA GLN A 556 -23.32 10.34 8.45
C GLN A 556 -21.89 10.89 8.52
N GLU A 557 -20.89 10.04 8.29
CA GLU A 557 -19.48 10.46 8.46
C GLU A 557 -18.89 11.03 7.15
N ASN A 558 -19.69 11.18 6.09
CA ASN A 558 -19.19 11.60 4.76
C ASN A 558 -19.21 13.12 4.70
N PRO A 559 -18.06 13.81 4.77
CA PRO A 559 -18.04 15.26 4.75
C PRO A 559 -18.48 15.88 3.43
N TRP A 560 -18.61 15.10 2.37
CA TRP A 560 -19.11 15.66 1.09
C TRP A 560 -20.63 15.54 0.93
N MET A 561 -21.36 14.97 1.90
CA MET A 561 -22.86 14.81 1.89
C MET A 561 -23.45 15.79 2.92
N GLU A 562 -24.14 16.86 2.46
CA GLU A 562 -24.77 17.88 3.36
C GLU A 562 -26.04 17.30 4.02
N ASP A 563 -26.93 16.63 3.28
CA ASP A 563 -28.21 16.06 3.81
C ASP A 563 -27.93 14.70 4.47
N LYS A 564 -28.25 14.53 5.75
CA LYS A 564 -27.81 13.35 6.56
C LYS A 564 -28.95 12.35 6.74
N THR A 565 -29.99 12.45 5.92
CA THR A 565 -31.18 11.56 6.00
C THR A 565 -30.71 10.11 5.83
N PRO A 566 -30.90 9.21 6.82
CA PRO A 566 -30.42 7.84 6.65
C PRO A 566 -31.18 7.18 5.49
N VAL A 567 -30.55 6.17 4.88
CA VAL A 567 -31.18 5.28 3.86
C VAL A 567 -31.88 4.15 4.63
N GLU A 568 -33.11 3.80 4.23
CA GLU A 568 -33.99 2.84 4.99
C GLU A 568 -33.85 1.41 4.46
N SER A 569 -33.50 1.20 3.18
CA SER A 569 -33.25 -0.15 2.61
C SER A 569 -32.20 -0.13 1.50
N TRP A 570 -31.77 -1.33 1.14
CA TRP A 570 -30.78 -1.52 0.05
C TRP A 570 -31.32 -1.01 -1.31
N GLU A 571 -32.62 -1.07 -1.57
CA GLU A 571 -33.19 -0.68 -2.89
C GLU A 571 -33.11 0.84 -3.11
N GLU A 572 -32.93 1.63 -2.05
CA GLU A 572 -32.65 3.10 -2.16
C GLU A 572 -31.24 3.34 -2.72
N ILE A 573 -30.35 2.35 -2.63
CA ILE A 573 -28.90 2.47 -2.99
C ILE A 573 -28.74 2.05 -4.45
N PRO A 574 -28.26 2.99 -5.28
CA PRO A 574 -28.27 2.81 -6.74
C PRO A 574 -27.14 1.95 -7.27
N TYR A 575 -27.27 1.53 -8.53
CA TYR A 575 -26.22 0.84 -9.31
C TYR A 575 -25.67 1.79 -10.38
N LEU A 576 -24.47 1.50 -10.90
CA LEU A 576 -23.96 2.09 -12.16
C LEU A 576 -24.97 1.78 -13.27
N GLY A 577 -24.97 2.60 -14.33
CA GLY A 577 -25.68 2.29 -15.60
C GLY A 577 -25.33 0.89 -16.11
N LYS A 578 -26.38 0.16 -16.55
CA LYS A 578 -26.30 -1.23 -17.05
C LYS A 578 -25.15 -1.38 -18.05
N ARG A 579 -24.94 -0.38 -18.89
CA ARG A 579 -23.86 -0.40 -19.90
C ARG A 579 -22.52 -0.09 -19.21
N GLU A 580 -22.48 0.90 -18.32
CA GLU A 580 -21.28 1.17 -17.49
C GLU A 580 -20.88 -0.09 -16.72
N ASP A 581 -21.85 -0.81 -16.16
CA ASP A 581 -21.60 -2.04 -15.39
C ASP A 581 -20.89 -3.06 -16.28
N GLN A 582 -21.39 -3.26 -17.51
CA GLN A 582 -20.80 -4.19 -18.51
C GLN A 582 -19.38 -3.75 -18.85
N TRP A 583 -19.20 -2.46 -19.17
CA TRP A 583 -17.86 -1.88 -19.49
C TRP A 583 -16.85 -2.24 -18.39
N CYS A 584 -17.27 -2.26 -17.12
CA CYS A 584 -16.35 -2.55 -15.98
C CYS A 584 -16.41 -4.04 -15.64
N GLY A 585 -16.88 -4.87 -16.58
CA GLY A 585 -16.72 -6.35 -16.55
C GLY A 585 -17.94 -7.12 -16.05
N SER A 586 -19.11 -6.50 -15.93
CA SER A 586 -20.34 -7.23 -15.51
C SER A 586 -20.75 -8.31 -16.52
N LEU A 587 -21.32 -9.41 -16.02
CA LEU A 587 -21.80 -10.54 -16.86
C LEU A 587 -23.30 -10.39 -17.12
N ILE A 588 -23.90 -9.28 -16.70
CA ILE A 588 -25.35 -9.04 -17.01
C ILE A 588 -25.52 -9.15 -18.52
N GLY A 589 -26.55 -9.88 -18.97
CA GLY A 589 -26.77 -10.12 -20.41
C GLY A 589 -26.44 -11.56 -20.78
N LEU A 590 -25.55 -12.19 -20.02
CA LEU A 590 -25.12 -13.57 -20.30
C LEU A 590 -26.10 -14.59 -19.73
N THR A 591 -26.28 -15.71 -20.44
CA THR A 591 -27.18 -16.80 -20.01
C THR A 591 -26.63 -17.43 -18.72
N SER A 592 -25.32 -17.57 -18.63
CA SER A 592 -24.65 -18.13 -17.43
C SER A 592 -25.02 -17.30 -16.18
N ARG A 593 -24.94 -15.98 -16.27
CA ARG A 593 -25.21 -15.09 -15.10
C ARG A 593 -26.68 -15.21 -14.71
N ALA A 594 -27.58 -15.30 -15.69
CA ALA A 594 -29.03 -15.35 -15.42
C ALA A 594 -29.41 -16.65 -14.72
N THR A 595 -28.84 -17.78 -15.14
CA THR A 595 -29.10 -19.06 -14.47
C THR A 595 -28.56 -18.97 -13.04
N TRP A 596 -27.40 -18.34 -12.87
CA TRP A 596 -26.79 -18.16 -11.54
C TRP A 596 -27.72 -17.35 -10.65
N ALA A 597 -28.21 -16.20 -11.13
CA ALA A 597 -29.06 -15.33 -10.30
C ALA A 597 -30.38 -16.04 -9.95
N LYS A 598 -31.03 -16.66 -10.94
CA LYS A 598 -32.35 -17.30 -10.71
C LYS A 598 -32.22 -18.47 -9.74
N ASN A 599 -31.13 -19.23 -9.80
CA ASN A 599 -30.98 -20.45 -8.96
C ASN A 599 -29.99 -20.19 -7.81
N ILE A 600 -29.89 -18.95 -7.34
CA ILE A 600 -28.89 -18.60 -6.28
C ILE A 600 -29.16 -19.38 -4.99
N GLN A 601 -30.51 -19.54 -4.68
N GLN A 601 -30.43 -19.54 -4.61
CA GLN A 601 -30.89 -20.21 -3.39
CA GLN A 601 -30.75 -20.22 -3.32
C GLN A 601 -30.30 -21.62 -3.34
C GLN A 601 -30.16 -21.63 -3.33
N THR A 602 -30.19 -22.30 -4.48
CA THR A 602 -29.58 -23.65 -4.60
C THR A 602 -28.07 -23.60 -4.33
N ALA A 603 -27.37 -22.54 -4.73
CA ALA A 603 -25.91 -22.46 -4.47
C ALA A 603 -25.75 -22.19 -2.99
N ILE A 604 -26.53 -21.26 -2.47
CA ILE A 604 -26.49 -20.91 -1.02
C ILE A 604 -26.69 -22.20 -0.20
N ASN A 605 -27.65 -23.03 -0.59
CA ASN A 605 -27.99 -24.29 0.12
C ASN A 605 -26.83 -25.28 0.01
N GLN A 606 -26.13 -25.36 -1.12
CA GLN A 606 -24.98 -26.29 -1.27
C GLN A 606 -23.93 -25.94 -0.21
N VAL A 607 -23.62 -24.65 -0.04
CA VAL A 607 -22.56 -24.21 0.89
C VAL A 607 -23.10 -24.42 2.33
N ARG A 608 -24.35 -24.06 2.60
CA ARG A 608 -24.98 -24.33 3.92
C ARG A 608 -24.87 -25.83 4.28
N SER A 609 -25.14 -26.74 3.35
CA SER A 609 -25.02 -28.19 3.63
C SER A 609 -23.58 -28.56 3.95
N LEU A 610 -22.58 -27.89 3.39
CA LEU A 610 -21.16 -28.30 3.62
C LEU A 610 -20.73 -27.86 5.01
N ILE A 611 -21.10 -26.65 5.39
CA ILE A 611 -20.74 -26.05 6.71
C ILE A 611 -21.53 -26.76 7.82
N GLY A 612 -22.81 -27.06 7.58
CA GLY A 612 -23.68 -27.88 8.47
C GLY A 612 -24.80 -27.08 9.11
N ASN A 613 -25.28 -27.55 10.25
CA ASN A 613 -26.55 -27.10 10.88
C ASN A 613 -26.24 -25.98 11.87
N GLU A 614 -26.30 -24.75 11.38
CA GLU A 614 -25.84 -23.50 12.02
C GLU A 614 -27.00 -22.53 11.85
N GLU A 615 -26.93 -21.35 12.43
CA GLU A 615 -27.98 -20.30 12.25
C GLU A 615 -27.56 -19.42 11.07
N TYR A 616 -28.36 -19.41 9.99
CA TYR A 616 -28.21 -18.61 8.76
C TYR A 616 -29.35 -17.59 8.67
N THR A 617 -29.07 -16.47 7.99
CA THR A 617 -30.04 -15.43 7.55
C THR A 617 -30.12 -15.44 6.01
N ASP A 618 -31.31 -15.26 5.44
CA ASP A 618 -31.52 -15.07 3.99
C ASP A 618 -31.46 -13.56 3.71
N TYR A 619 -30.36 -13.10 3.09
CA TYR A 619 -30.16 -11.68 2.72
C TYR A 619 -30.66 -11.40 1.30
N MET A 620 -31.02 -12.43 0.53
CA MET A 620 -31.49 -12.25 -0.88
C MET A 620 -32.73 -11.31 -1.05
N PRO A 621 -33.77 -11.40 -0.19
CA PRO A 621 -34.91 -10.49 -0.27
C PRO A 621 -34.61 -8.99 -0.04
N SER A 622 -33.37 -8.65 0.30
CA SER A 622 -32.87 -7.23 0.35
C SER A 622 -32.91 -6.61 -1.05
N MET A 623 -32.73 -7.44 -2.09
CA MET A 623 -32.85 -7.03 -3.52
C MET A 623 -34.33 -6.94 -3.89
N LYS A 624 -34.64 -6.39 -5.06
CA LYS A 624 -36.04 -6.21 -5.55
C LYS A 624 -36.57 -7.53 -6.11
N ARG A 625 -35.78 -8.21 -6.95
CA ARG A 625 -36.21 -9.39 -7.75
C ARG A 625 -36.57 -10.57 -6.82
N PHE A 626 -35.79 -10.80 -5.77
CA PHE A 626 -35.86 -12.01 -4.89
C PHE A 626 -36.99 -11.87 -3.86
N ARG A 627 -37.67 -10.72 -3.81
CA ARG A 627 -38.86 -10.52 -2.95
C ARG A 627 -40.04 -11.31 -3.53
N ARG A 628 -40.85 -11.91 -2.67
CA ARG A 628 -42.06 -12.70 -3.05
C ARG A 628 -43.31 -11.85 -2.80
#